data_3BLU
#
_entry.id   3BLU
#
_cell.length_a   48.849
_cell.length_b   54.092
_cell.length_c   96.926
_cell.angle_alpha   90.00
_cell.angle_beta   90.00
_cell.angle_gamma   90.00
#
_symmetry.space_group_name_H-M   'P 21 21 21'
#
loop_
_entity.id
_entity.type
_entity.pdbx_description
1 polymer 'Tyrosine-protein phosphatase yopH'
2 non-polymer (ethenylsulfonyl)benzene
3 water water
#
_entity_poly.entity_id   1
_entity_poly.type   'polypeptide(L)'
_entity_poly.pdbx_seq_one_letter_code
;RERPHTSGHHGAGEARATAPSTVSPYGPEARAELSSRLTTLRNTLAPATNDPRYLQACGGEKLNRFRDIQCRRQTAVRAD
LNANYIQVGNTRTIACQYPLQSQLESHFRMLAENRTPVLAVLASSSEIANQRFGMPDYFRQSGTYGSITVESKMTQQVGL
GDGIMADMYTLTIREAGQKTISVPVVHVGNWPDQTAVSSEVTKALASLVDQTAETKRNMYESKGSSAVADDSKLRPVIHC
RAGVGRTAQLIGAMCMNDSRNSQLSVEDMVSQMRVQRNGIMVQKDEQLDVLIKLAEGQGRPLLNS
;
_entity_poly.pdbx_strand_id   A
#
loop_
_chem_comp.id
_chem_comp.type
_chem_comp.name
_chem_comp.formula
PVS non-polymer (ethenylsulfonyl)benzene 'C8 H8 O2 S'
#
# COMPACT_ATOMS: atom_id res chain seq x y z
N SER A 24 -20.21 -12.11 22.56
CA SER A 24 -19.30 -12.86 21.65
C SER A 24 -18.17 -11.95 21.18
N PRO A 25 -16.98 -12.53 20.92
CA PRO A 25 -15.83 -11.73 20.47
C PRO A 25 -15.96 -11.25 19.03
N TYR A 26 -16.65 -12.03 18.20
CA TYR A 26 -16.86 -11.68 16.80
C TYR A 26 -18.34 -11.45 16.50
N GLY A 27 -19.12 -11.24 17.55
CA GLY A 27 -20.54 -11.03 17.39
C GLY A 27 -20.86 -9.63 16.90
N PRO A 28 -22.11 -9.37 16.49
CA PRO A 28 -22.50 -8.05 16.00
C PRO A 28 -22.24 -6.93 17.00
N GLU A 29 -22.37 -7.22 18.29
CA GLU A 29 -22.14 -6.22 19.32
C GLU A 29 -20.67 -5.80 19.30
N ALA A 30 -19.78 -6.78 19.17
CA ALA A 30 -18.34 -6.51 19.12
C ALA A 30 -18.00 -5.76 17.83
N ARG A 31 -18.62 -6.16 16.73
CA ARG A 31 -18.38 -5.52 15.44
C ARG A 31 -18.87 -4.08 15.46
N ALA A 32 -20.04 -3.85 16.06
CA ALA A 32 -20.60 -2.50 16.15
C ALA A 32 -19.69 -1.58 16.97
N GLU A 33 -19.10 -2.13 18.04
CA GLU A 33 -18.21 -1.35 18.90
C GLU A 33 -16.93 -0.97 18.15
N LEU A 34 -16.39 -1.93 17.40
CA LEU A 34 -15.19 -1.69 16.62
C LEU A 34 -15.47 -0.57 15.62
N SER A 35 -16.56 -0.74 14.88
CA SER A 35 -16.97 0.25 13.91
C SER A 35 -17.12 1.61 14.55
N SER A 36 -17.69 1.65 15.76
CA SER A 36 -17.89 2.91 16.45
C SER A 36 -16.55 3.59 16.76
N ARG A 37 -15.64 2.85 17.39
CA ARG A 37 -14.32 3.38 17.74
C ARG A 37 -13.57 3.87 16.50
N LEU A 38 -13.61 3.12 15.42
CA LEU A 38 -12.90 3.52 14.22
C LEU A 38 -13.51 4.75 13.54
N THR A 39 -14.83 4.90 13.65
CA THR A 39 -15.53 6.04 13.06
C THR A 39 -15.13 7.32 13.78
N THR A 40 -15.01 7.26 15.09
CA THR A 40 -14.62 8.45 15.85
C THR A 40 -13.20 8.82 15.46
N LEU A 41 -12.36 7.81 15.24
CA LEU A 41 -10.97 8.04 14.86
C LEU A 41 -10.88 8.66 13.46
N ARG A 42 -11.63 8.12 12.50
CA ARG A 42 -11.62 8.68 11.15
C ARG A 42 -12.05 10.15 11.18
N ASN A 43 -13.09 10.45 11.95
CA ASN A 43 -13.58 11.83 12.03
C ASN A 43 -12.56 12.76 12.68
N THR A 44 -11.85 12.26 13.68
CA THR A 44 -10.83 13.04 14.38
C THR A 44 -9.63 13.31 13.47
N LEU A 45 -9.27 12.32 12.67
CA LEU A 45 -8.14 12.42 11.76
C LEU A 45 -8.42 13.20 10.48
N ALA A 46 -9.70 13.47 10.22
CA ALA A 46 -10.07 14.23 9.03
C ALA A 46 -9.18 15.48 8.94
N PRO A 47 -8.66 15.76 7.74
CA PRO A 47 -7.79 16.92 7.55
C PRO A 47 -8.49 18.28 7.51
N ALA A 48 -7.98 19.21 8.31
CA ALA A 48 -8.52 20.56 8.33
C ALA A 48 -7.59 21.33 7.39
N THR A 49 -8.05 22.47 6.91
CA THR A 49 -7.23 23.27 5.99
C THR A 49 -5.93 23.66 6.69
N ASN A 50 -4.82 23.48 5.98
CA ASN A 50 -3.50 23.80 6.53
C ASN A 50 -3.23 22.96 7.77
N ASP A 51 -3.76 21.74 7.77
CA ASP A 51 -3.59 20.83 8.89
C ASP A 51 -2.11 20.51 9.16
N PRO A 52 -1.64 20.77 10.39
CA PRO A 52 -0.25 20.52 10.80
C PRO A 52 0.13 19.03 10.70
N ARG A 53 -0.85 18.16 10.90
CA ARG A 53 -0.63 16.72 10.85
C ARG A 53 -0.42 16.17 9.44
N TYR A 54 -0.80 16.95 8.44
CA TYR A 54 -0.70 16.50 7.05
C TYR A 54 0.26 17.27 6.15
N LEU A 55 0.89 16.54 5.24
CA LEU A 55 1.83 17.12 4.28
C LEU A 55 1.09 18.12 3.40
N GLN A 56 1.67 19.29 3.20
CA GLN A 56 1.05 20.34 2.40
C GLN A 56 1.69 20.56 1.04
N ALA A 57 0.86 20.81 0.03
CA ALA A 57 1.34 21.05 -1.33
C ALA A 57 2.22 22.31 -1.37
N CYS A 58 3.03 22.42 -2.41
CA CYS A 58 3.93 23.55 -2.56
C CYS A 58 3.73 24.37 -3.83
N GLY A 59 3.68 25.69 -3.67
CA GLY A 59 3.52 26.59 -4.81
C GLY A 59 2.30 26.42 -5.68
N GLY A 60 1.37 25.54 -5.30
CA GLY A 60 0.18 25.36 -6.09
C GLY A 60 0.11 24.08 -6.90
N GLU A 61 1.22 23.36 -7.02
CA GLU A 61 1.20 22.11 -7.79
C GLU A 61 0.52 21.03 -6.97
N LYS A 62 -0.45 20.36 -7.58
CA LYS A 62 -1.21 19.32 -6.91
C LYS A 62 -0.32 18.21 -6.34
N LEU A 63 -0.61 17.83 -5.10
CA LEU A 63 0.14 16.79 -4.42
C LEU A 63 -0.80 15.61 -4.17
N ASN A 64 -2.01 15.92 -3.70
CA ASN A 64 -3.01 14.92 -3.40
C ASN A 64 -3.95 14.66 -4.58
N ARG A 65 -4.06 13.39 -4.98
CA ARG A 65 -4.94 13.00 -6.08
C ARG A 65 -6.39 13.33 -5.69
N PHE A 66 -6.66 13.25 -4.39
CA PHE A 66 -7.99 13.54 -3.85
C PHE A 66 -7.78 14.52 -2.70
N ARG A 67 -8.41 15.68 -2.78
CA ARG A 67 -8.26 16.72 -1.75
C ARG A 67 -8.45 16.25 -0.32
N ASP A 68 -9.32 15.27 -0.10
CA ASP A 68 -9.59 14.81 1.25
C ASP A 68 -8.89 13.54 1.72
N ILE A 69 -8.04 12.99 0.86
CA ILE A 69 -7.28 11.80 1.22
C ILE A 69 -5.85 12.30 1.24
N GLN A 70 -5.42 12.76 2.40
CA GLN A 70 -4.10 13.34 2.56
C GLN A 70 -3.00 12.46 3.15
N CYS A 71 -1.79 13.00 3.17
CA CYS A 71 -0.61 12.27 3.63
C CYS A 71 -0.03 12.76 4.96
N ARG A 72 -0.05 11.89 5.97
CA ARG A 72 0.48 12.23 7.28
C ARG A 72 1.91 12.76 7.13
N ARG A 73 2.16 13.96 7.62
CA ARG A 73 3.48 14.57 7.48
C ARG A 73 4.60 13.84 8.23
N GLN A 74 4.32 13.46 9.47
CA GLN A 74 5.31 12.78 10.31
C GLN A 74 5.88 11.49 9.71
N THR A 75 5.12 10.87 8.81
CA THR A 75 5.55 9.62 8.19
C THR A 75 5.69 9.69 6.67
N ALA A 76 5.74 10.90 6.13
CA ALA A 76 5.87 11.08 4.68
C ALA A 76 7.20 10.56 4.17
N VAL A 77 7.18 9.94 2.98
CA VAL A 77 8.39 9.40 2.37
C VAL A 77 9.18 10.48 1.63
N ARG A 78 8.47 11.31 0.87
CA ARG A 78 9.09 12.41 0.13
C ARG A 78 8.15 13.61 0.18
N ALA A 79 8.74 14.80 0.23
CA ALA A 79 7.98 16.04 0.33
C ALA A 79 7.05 16.33 -0.86
N ASP A 80 7.20 15.59 -1.95
CA ASP A 80 6.35 15.85 -3.11
C ASP A 80 5.54 14.63 -3.55
N LEU A 81 5.30 13.72 -2.61
CA LEU A 81 4.51 12.52 -2.87
C LEU A 81 3.48 12.30 -1.78
N ASN A 82 2.35 11.72 -2.14
CA ASN A 82 1.33 11.40 -1.15
C ASN A 82 1.67 9.94 -0.89
N ALA A 83 2.52 9.72 0.11
CA ALA A 83 2.99 8.38 0.45
C ALA A 83 3.46 8.32 1.90
N ASN A 84 3.21 7.20 2.57
CA ASN A 84 3.59 7.08 3.96
C ASN A 84 4.25 5.78 4.41
N TYR A 85 5.21 5.90 5.31
CA TYR A 85 5.89 4.76 5.91
C TYR A 85 4.85 4.26 6.90
N ILE A 86 4.53 2.97 6.89
CA ILE A 86 3.55 2.46 7.82
C ILE A 86 4.05 1.24 8.58
N GLN A 87 3.89 1.26 9.89
CA GLN A 87 4.30 0.10 10.67
C GLN A 87 3.14 -0.35 11.54
N VAL A 88 2.61 -1.53 11.23
CA VAL A 88 1.52 -2.11 11.97
C VAL A 88 2.15 -3.28 12.71
N GLY A 89 2.21 -3.19 14.03
CA GLY A 89 2.84 -4.26 14.79
C GLY A 89 4.30 -4.22 14.39
N ASN A 90 4.79 -5.30 13.81
CA ASN A 90 6.19 -5.39 13.37
C ASN A 90 6.32 -5.24 11.85
N THR A 91 5.19 -5.23 11.15
CA THR A 91 5.21 -5.15 9.70
C THR A 91 5.40 -3.73 9.16
N ARG A 92 6.50 -3.54 8.44
CA ARG A 92 6.85 -2.24 7.88
C ARG A 92 6.61 -2.19 6.38
N THR A 93 5.91 -1.15 5.93
CA THR A 93 5.64 -1.00 4.50
C THR A 93 5.54 0.48 4.16
N ILE A 94 5.10 0.74 2.93
CA ILE A 94 4.91 2.08 2.43
C ILE A 94 3.59 2.05 1.69
N ALA A 95 2.71 2.99 1.99
CA ALA A 95 1.42 3.04 1.31
C ALA A 95 1.31 4.40 0.64
N CYS A 96 0.80 4.42 -0.59
CA CYS A 96 0.69 5.68 -1.32
C CYS A 96 -0.49 5.69 -2.28
N GLN A 97 -0.75 6.86 -2.84
CA GLN A 97 -1.82 7.03 -3.82
C GLN A 97 -1.16 6.70 -5.16
N TYR A 98 -1.96 6.57 -6.22
CA TYR A 98 -1.37 6.29 -7.52
C TYR A 98 -0.67 7.60 -7.86
N PRO A 99 0.62 7.55 -8.20
CA PRO A 99 1.33 8.79 -8.54
C PRO A 99 0.73 9.60 -9.67
N LEU A 100 0.73 10.92 -9.51
CA LEU A 100 0.24 11.82 -10.55
C LEU A 100 1.34 11.81 -11.59
N GLN A 101 1.00 12.16 -12.83
CA GLN A 101 2.00 12.17 -13.89
C GLN A 101 3.19 13.04 -13.52
N SER A 102 2.93 14.15 -12.86
CA SER A 102 4.00 15.06 -12.47
C SER A 102 4.91 14.51 -11.39
N GLN A 103 4.47 13.46 -10.70
CA GLN A 103 5.25 12.87 -9.61
C GLN A 103 6.03 11.63 -10.02
N LEU A 104 5.77 11.12 -11.22
CA LEU A 104 6.44 9.92 -11.70
C LEU A 104 7.92 9.84 -11.40
N GLU A 105 8.67 10.85 -11.81
CA GLU A 105 10.11 10.88 -11.58
C GLU A 105 10.46 10.69 -10.11
N SER A 106 9.86 11.52 -9.26
CA SER A 106 10.13 11.42 -7.83
C SER A 106 9.65 10.06 -7.30
N HIS A 107 8.57 9.55 -7.88
CA HIS A 107 7.99 8.26 -7.49
C HIS A 107 8.99 7.14 -7.77
N PHE A 108 9.54 7.14 -8.97
CA PHE A 108 10.51 6.13 -9.36
C PHE A 108 11.74 6.26 -8.49
N ARG A 109 12.06 7.49 -8.11
CA ARG A 109 13.21 7.75 -7.24
C ARG A 109 12.98 7.07 -5.90
N MET A 110 11.77 7.23 -5.36
CA MET A 110 11.42 6.61 -4.11
C MET A 110 11.58 5.10 -4.23
N LEU A 111 10.96 4.52 -5.25
CA LEU A 111 11.04 3.09 -5.47
C LEU A 111 12.48 2.59 -5.55
N ALA A 112 13.33 3.34 -6.25
CA ALA A 112 14.72 2.97 -6.41
C ALA A 112 15.50 3.09 -5.12
N GLU A 113 15.41 4.25 -4.47
CA GLU A 113 16.14 4.47 -3.23
C GLU A 113 15.72 3.50 -2.13
N ASN A 114 14.46 3.06 -2.19
CA ASN A 114 13.93 2.12 -1.21
C ASN A 114 14.34 0.67 -1.48
N ARG A 115 14.96 0.43 -2.64
CA ARG A 115 15.34 -0.94 -2.98
C ARG A 115 14.07 -1.78 -2.82
N THR A 116 12.95 -1.23 -3.28
CA THR A 116 11.64 -1.87 -3.19
C THR A 116 11.65 -3.37 -3.49
N PRO A 117 11.33 -4.21 -2.48
CA PRO A 117 11.32 -5.67 -2.67
C PRO A 117 10.11 -6.14 -3.48
N VAL A 118 9.06 -5.32 -3.49
CA VAL A 118 7.84 -5.63 -4.24
C VAL A 118 6.97 -4.39 -4.31
N LEU A 119 6.35 -4.18 -5.47
CA LEU A 119 5.45 -3.04 -5.65
C LEU A 119 4.10 -3.67 -5.93
N ALA A 120 3.18 -3.55 -4.99
CA ALA A 120 1.85 -4.12 -5.17
C ALA A 120 0.87 -3.03 -5.58
N VAL A 121 0.33 -3.17 -6.78
CA VAL A 121 -0.63 -2.21 -7.31
C VAL A 121 -2.00 -2.86 -7.42
N LEU A 122 -2.98 -2.32 -6.71
CA LEU A 122 -4.32 -2.89 -6.72
C LEU A 122 -5.33 -2.05 -7.50
N ALA A 123 -4.82 -1.10 -8.29
CA ALA A 123 -5.67 -0.24 -9.12
C ALA A 123 -6.04 -1.09 -10.34
N SER A 124 -7.30 -1.04 -10.74
CA SER A 124 -7.76 -1.83 -11.88
C SER A 124 -7.27 -1.33 -13.23
N SER A 125 -7.16 -2.24 -14.18
CA SER A 125 -6.72 -1.90 -15.52
C SER A 125 -7.66 -0.89 -16.16
N SER A 126 -8.93 -0.93 -15.75
CA SER A 126 -9.96 -0.03 -16.29
C SER A 126 -9.70 1.39 -15.81
N GLU A 127 -9.36 1.52 -14.53
CA GLU A 127 -9.08 2.84 -13.96
C GLU A 127 -7.86 3.43 -14.67
N ILE A 128 -6.81 2.63 -14.79
CA ILE A 128 -5.58 3.05 -15.45
C ILE A 128 -5.82 3.46 -16.90
N ALA A 129 -6.65 2.69 -17.59
CA ALA A 129 -6.97 2.96 -18.99
C ALA A 129 -7.78 4.26 -19.18
N ASN A 130 -8.66 4.54 -18.24
CA ASN A 130 -9.49 5.75 -18.33
C ASN A 130 -8.62 7.01 -18.12
N GLN A 131 -8.28 7.67 -19.23
CA GLN A 131 -7.44 8.86 -19.19
C GLN A 131 -8.03 10.00 -18.35
N ARG A 132 -9.32 9.92 -18.02
CA ARG A 132 -9.95 10.96 -17.23
C ARG A 132 -9.41 10.92 -15.81
N PHE A 133 -8.91 9.76 -15.40
CA PHE A 133 -8.40 9.58 -14.05
C PHE A 133 -6.97 10.05 -13.82
N GLY A 134 -6.20 10.22 -14.89
CA GLY A 134 -4.84 10.68 -14.74
C GLY A 134 -3.92 9.69 -14.02
N MET A 135 -4.14 8.40 -14.27
CA MET A 135 -3.33 7.36 -13.67
C MET A 135 -2.43 6.80 -14.77
N PRO A 136 -1.18 7.29 -14.82
CA PRO A 136 -0.23 6.83 -15.83
C PRO A 136 0.13 5.35 -15.75
N ASP A 137 0.23 4.73 -16.93
CA ASP A 137 0.57 3.31 -17.06
C ASP A 137 2.08 3.18 -16.88
N TYR A 138 2.55 3.57 -15.70
CA TYR A 138 3.97 3.59 -15.40
C TYR A 138 4.69 2.28 -15.10
N PHE A 139 3.97 1.23 -14.75
CA PHE A 139 4.64 -0.02 -14.45
C PHE A 139 4.40 -1.10 -15.50
N ARG A 140 3.53 -0.84 -16.46
CA ARG A 140 3.25 -1.82 -17.50
C ARG A 140 3.88 -1.42 -18.82
N GLN A 141 4.36 -0.19 -18.89
CA GLN A 141 4.98 0.33 -20.11
C GLN A 141 6.40 0.81 -19.83
N SER A 142 7.23 0.81 -20.87
CA SER A 142 8.60 1.26 -20.73
C SER A 142 8.59 2.72 -21.18
N GLY A 143 9.50 3.52 -20.63
CA GLY A 143 9.55 4.91 -21.01
C GLY A 143 10.64 5.71 -20.32
N THR A 144 10.68 7.01 -20.62
CA THR A 144 11.67 7.90 -20.03
C THR A 144 10.92 8.99 -19.28
N TYR A 145 11.36 9.27 -18.06
CA TYR A 145 10.74 10.29 -17.23
C TYR A 145 11.83 11.18 -16.66
N GLY A 146 11.97 12.36 -17.23
CA GLY A 146 13.01 13.27 -16.78
C GLY A 146 14.34 12.64 -17.15
N SER A 147 15.19 12.39 -16.17
CA SER A 147 16.49 11.77 -16.44
C SER A 147 16.45 10.28 -16.15
N ILE A 148 15.28 9.78 -15.76
CA ILE A 148 15.10 8.36 -15.46
C ILE A 148 14.45 7.58 -16.60
N THR A 149 14.98 6.40 -16.89
CA THR A 149 14.45 5.56 -17.95
C THR A 149 13.99 4.24 -17.32
N VAL A 150 12.76 3.84 -17.66
CA VAL A 150 12.18 2.63 -17.11
C VAL A 150 11.79 1.58 -18.15
N GLU A 151 12.07 0.32 -17.83
CA GLU A 151 11.70 -0.79 -18.71
C GLU A 151 10.76 -1.70 -17.93
N SER A 152 9.71 -2.18 -18.58
CA SER A 152 8.76 -3.06 -17.92
C SER A 152 8.71 -4.41 -18.61
N LYS A 153 9.13 -5.45 -17.89
CA LYS A 153 9.13 -6.81 -18.41
C LYS A 153 8.00 -7.61 -17.75
N MET A 154 7.07 -8.12 -18.56
CA MET A 154 5.96 -8.90 -18.04
C MET A 154 6.49 -10.27 -17.65
N THR A 155 6.17 -10.73 -16.45
CA THR A 155 6.65 -12.04 -16.02
C THR A 155 5.53 -13.08 -15.92
N GLN A 156 5.15 -13.45 -14.71
CA GLN A 156 4.11 -14.46 -14.55
C GLN A 156 2.71 -13.95 -14.23
N GLN A 157 1.73 -14.84 -14.30
CA GLN A 157 0.35 -14.50 -14.01
C GLN A 157 -0.13 -15.54 -13.01
N VAL A 158 -0.72 -15.08 -11.91
CA VAL A 158 -1.17 -15.98 -10.87
C VAL A 158 -2.62 -15.74 -10.44
N GLY A 159 -3.43 -16.78 -10.53
CA GLY A 159 -4.82 -16.67 -10.14
C GLY A 159 -4.92 -16.62 -8.63
N LEU A 160 -5.81 -15.79 -8.11
CA LEU A 160 -5.97 -15.66 -6.66
C LEU A 160 -7.29 -16.24 -6.19
N GLY A 161 -8.11 -16.69 -7.14
CA GLY A 161 -9.41 -17.25 -6.80
C GLY A 161 -10.53 -16.29 -7.19
N ASP A 162 -11.74 -16.83 -7.33
CA ASP A 162 -12.89 -16.01 -7.69
C ASP A 162 -12.64 -15.21 -8.96
N GLY A 163 -11.70 -15.68 -9.77
CA GLY A 163 -11.39 -15.00 -11.01
C GLY A 163 -10.47 -13.80 -10.90
N ILE A 164 -9.98 -13.52 -9.69
CA ILE A 164 -9.09 -12.38 -9.48
C ILE A 164 -7.68 -12.74 -9.95
N MET A 165 -7.11 -11.91 -10.83
CA MET A 165 -5.80 -12.20 -11.39
C MET A 165 -4.66 -11.26 -11.00
N ALA A 166 -3.49 -11.84 -10.75
CA ALA A 166 -2.30 -11.09 -10.39
C ALA A 166 -1.31 -11.15 -11.54
N ASP A 167 -1.10 -10.00 -12.19
CA ASP A 167 -0.16 -9.90 -13.31
C ASP A 167 1.15 -9.39 -12.73
N MET A 168 2.25 -10.08 -13.02
CA MET A 168 3.53 -9.65 -12.47
C MET A 168 4.50 -9.09 -13.51
N TYR A 169 5.30 -8.12 -13.09
CA TYR A 169 6.27 -7.49 -13.97
C TYR A 169 7.60 -7.25 -13.25
N THR A 170 8.62 -6.90 -14.03
CA THR A 170 9.92 -6.57 -13.48
C THR A 170 10.16 -5.14 -13.97
N LEU A 171 10.15 -4.18 -13.05
CA LEU A 171 10.36 -2.78 -13.38
C LEU A 171 11.82 -2.40 -13.14
N THR A 172 12.56 -2.21 -14.23
CA THR A 172 13.96 -1.83 -14.12
C THR A 172 14.10 -0.33 -14.27
N ILE A 173 14.64 0.31 -13.22
CA ILE A 173 14.80 1.75 -13.16
C ILE A 173 16.25 2.17 -13.39
N ARG A 174 16.50 2.91 -14.46
CA ARG A 174 17.85 3.37 -14.78
C ARG A 174 17.97 4.89 -14.80
N GLU A 175 19.09 5.39 -14.26
CA GLU A 175 19.36 6.82 -14.24
C GLU A 175 20.87 7.02 -14.25
N ALA A 176 21.32 7.95 -15.08
CA ALA A 176 22.75 8.24 -15.20
C ALA A 176 23.39 8.54 -13.85
N GLY A 177 24.42 7.77 -13.52
CA GLY A 177 25.13 7.98 -12.27
C GLY A 177 24.52 7.29 -11.06
N GLN A 178 23.36 6.65 -11.26
CA GLN A 178 22.69 5.97 -10.17
C GLN A 178 22.72 4.45 -10.37
N LYS A 179 22.73 3.71 -9.27
CA LYS A 179 22.73 2.26 -9.34
C LYS A 179 21.41 1.81 -9.97
N THR A 180 21.50 0.96 -10.99
CA THR A 180 20.32 0.45 -11.68
C THR A 180 19.59 -0.49 -10.74
N ILE A 181 18.28 -0.27 -10.59
CA ILE A 181 17.45 -1.06 -9.71
C ILE A 181 16.25 -1.68 -10.42
N SER A 182 16.01 -2.97 -10.19
CA SER A 182 14.87 -3.66 -10.79
C SER A 182 13.88 -3.97 -9.67
N VAL A 183 12.60 -3.71 -9.94
CA VAL A 183 11.55 -3.91 -8.93
C VAL A 183 10.46 -4.90 -9.30
N PRO A 184 10.17 -5.87 -8.42
CA PRO A 184 9.13 -6.87 -8.67
C PRO A 184 7.76 -6.20 -8.51
N VAL A 185 6.90 -6.33 -9.51
CA VAL A 185 5.58 -5.74 -9.43
C VAL A 185 4.48 -6.79 -9.39
N VAL A 186 3.54 -6.62 -8.48
CA VAL A 186 2.38 -7.51 -8.38
C VAL A 186 1.16 -6.64 -8.64
N HIS A 187 0.54 -6.82 -9.79
CA HIS A 187 -0.63 -6.03 -10.16
C HIS A 187 -1.95 -6.81 -10.24
N VAL A 188 -2.87 -6.51 -9.33
CA VAL A 188 -4.17 -7.14 -9.36
C VAL A 188 -4.98 -6.10 -10.16
N GLY A 189 -5.20 -6.40 -11.44
CA GLY A 189 -5.89 -5.45 -12.30
C GLY A 189 -7.39 -5.57 -12.43
N ASN A 190 -8.01 -6.47 -11.68
CA ASN A 190 -9.46 -6.65 -11.77
C ASN A 190 -10.11 -6.67 -10.40
N TRP A 191 -9.65 -5.76 -9.53
CA TRP A 191 -10.20 -5.59 -8.18
C TRP A 191 -10.84 -4.21 -8.20
N PRO A 192 -12.14 -4.13 -8.52
CA PRO A 192 -12.81 -2.82 -8.56
C PRO A 192 -12.70 -2.01 -7.29
N ASP A 193 -12.57 -0.69 -7.48
CA ASP A 193 -12.43 0.28 -6.40
C ASP A 193 -13.60 0.24 -5.42
N GLN A 194 -13.31 0.53 -4.15
CA GLN A 194 -14.30 0.56 -3.09
C GLN A 194 -15.07 -0.74 -2.86
N THR A 195 -14.41 -1.86 -3.10
CA THR A 195 -15.00 -3.17 -2.87
C THR A 195 -13.92 -4.02 -2.22
N ALA A 196 -14.33 -5.16 -1.67
CA ALA A 196 -13.40 -6.06 -1.01
C ALA A 196 -13.49 -7.45 -1.62
N VAL A 197 -12.36 -8.00 -2.04
CA VAL A 197 -12.36 -9.35 -2.59
C VAL A 197 -12.43 -10.24 -1.35
N SER A 198 -12.86 -11.48 -1.54
CA SER A 198 -13.00 -12.42 -0.43
C SER A 198 -11.73 -12.58 0.41
N SER A 199 -11.92 -13.09 1.62
CA SER A 199 -10.81 -13.34 2.53
C SER A 199 -9.87 -14.41 1.98
N GLU A 200 -10.41 -15.30 1.16
CA GLU A 200 -9.58 -16.35 0.55
C GLU A 200 -8.63 -15.69 -0.45
N VAL A 201 -9.18 -14.77 -1.24
CA VAL A 201 -8.40 -14.04 -2.24
C VAL A 201 -7.39 -13.12 -1.56
N THR A 202 -7.81 -12.48 -0.47
CA THR A 202 -6.94 -11.55 0.23
C THR A 202 -5.75 -12.30 0.82
N LYS A 203 -5.99 -13.45 1.43
CA LYS A 203 -4.92 -14.23 2.02
C LYS A 203 -3.96 -14.74 0.93
N ALA A 204 -4.50 -15.16 -0.21
CA ALA A 204 -3.69 -15.64 -1.31
C ALA A 204 -2.80 -14.50 -1.83
N LEU A 205 -3.37 -13.30 -1.90
CA LEU A 205 -2.63 -12.13 -2.39
C LEU A 205 -1.53 -11.72 -1.42
N ALA A 206 -1.87 -11.63 -0.13
CA ALA A 206 -0.89 -11.24 0.88
C ALA A 206 0.27 -12.24 0.90
N SER A 207 -0.04 -13.52 0.70
CA SER A 207 0.99 -14.56 0.69
C SER A 207 1.91 -14.36 -0.51
N LEU A 208 1.33 -14.03 -1.66
CA LEU A 208 2.08 -13.81 -2.89
C LEU A 208 2.96 -12.57 -2.79
N VAL A 209 2.40 -11.50 -2.25
CA VAL A 209 3.16 -10.28 -2.11
C VAL A 209 4.34 -10.47 -1.15
N ASP A 210 4.09 -11.09 0.00
CA ASP A 210 5.16 -11.33 0.96
C ASP A 210 6.22 -12.26 0.37
N GLN A 211 5.77 -13.28 -0.35
CA GLN A 211 6.70 -14.21 -0.95
C GLN A 211 7.59 -13.51 -1.97
N THR A 212 6.99 -12.65 -2.80
CA THR A 212 7.73 -11.93 -3.81
C THR A 212 8.74 -11.01 -3.14
N ALA A 213 8.30 -10.34 -2.08
CA ALA A 213 9.15 -9.42 -1.34
C ALA A 213 10.32 -10.17 -0.70
N GLU A 214 10.04 -11.33 -0.13
CA GLU A 214 11.10 -12.10 0.52
C GLU A 214 12.20 -12.52 -0.45
N THR A 215 11.83 -12.86 -1.68
CA THR A 215 12.81 -13.28 -2.67
C THR A 215 13.75 -12.11 -3.03
N LYS A 216 13.19 -10.93 -3.27
CA LYS A 216 13.98 -9.77 -3.65
C LYS A 216 14.82 -9.25 -2.49
N ARG A 217 14.24 -9.22 -1.30
CA ARG A 217 14.98 -8.76 -0.14
C ARG A 217 16.16 -9.70 0.10
N ASN A 218 15.92 -11.01 -0.01
CA ASN A 218 16.99 -11.99 0.20
C ASN A 218 18.14 -11.71 -0.77
N MET A 219 17.81 -11.35 -2.00
CA MET A 219 18.82 -11.05 -3.01
C MET A 219 19.74 -9.92 -2.54
N TYR A 220 19.15 -8.82 -2.08
CA TYR A 220 19.92 -7.69 -1.59
C TYR A 220 20.79 -8.09 -0.38
N GLU A 221 20.23 -8.92 0.49
CA GLU A 221 20.97 -9.35 1.66
C GLU A 221 22.12 -10.27 1.29
N SER A 222 21.98 -11.03 0.21
CA SER A 222 23.05 -11.92 -0.22
C SER A 222 24.17 -11.08 -0.83
N LYS A 223 23.81 -9.94 -1.39
CA LYS A 223 24.79 -9.05 -2.00
C LYS A 223 25.41 -8.09 -1.01
N GLY A 224 24.96 -8.17 0.25
CA GLY A 224 25.49 -7.30 1.27
C GLY A 224 25.10 -5.85 1.10
N SER A 225 23.89 -5.62 0.59
CA SER A 225 23.39 -4.27 0.37
C SER A 225 23.30 -3.49 1.68
N SER A 226 23.77 -2.25 1.65
CA SER A 226 23.74 -1.39 2.83
C SER A 226 22.30 -1.06 3.24
N ALA A 227 21.34 -1.30 2.35
CA ALA A 227 19.94 -1.02 2.62
C ALA A 227 19.37 -1.91 3.73
N VAL A 228 20.01 -3.04 3.97
CA VAL A 228 19.55 -3.97 5.00
C VAL A 228 19.60 -3.35 6.41
N ALA A 229 20.53 -2.42 6.62
CA ALA A 229 20.67 -1.78 7.94
C ALA A 229 19.79 -0.54 8.11
N ASP A 230 19.03 -0.21 7.08
CA ASP A 230 18.16 0.97 7.12
C ASP A 230 16.69 0.58 7.17
N ASP A 231 16.06 0.75 8.32
CA ASP A 231 14.65 0.38 8.51
C ASP A 231 13.66 1.14 7.62
N SER A 232 14.10 2.21 6.97
CA SER A 232 13.20 2.96 6.10
C SER A 232 13.30 2.42 4.68
N LYS A 233 14.11 1.38 4.49
CA LYS A 233 14.31 0.79 3.18
C LYS A 233 13.93 -0.69 3.11
N LEU A 234 13.81 -1.21 1.88
CA LEU A 234 13.44 -2.60 1.64
C LEU A 234 12.01 -2.87 2.07
N ARG A 235 11.18 -1.84 2.01
CA ARG A 235 9.79 -1.97 2.41
C ARG A 235 8.89 -2.24 1.21
N PRO A 236 7.89 -3.12 1.38
CA PRO A 236 6.99 -3.41 0.27
C PRO A 236 6.19 -2.12 0.04
N VAL A 237 5.98 -1.75 -1.22
CA VAL A 237 5.22 -0.55 -1.52
C VAL A 237 3.86 -0.98 -2.02
N ILE A 238 2.81 -0.57 -1.31
CA ILE A 238 1.47 -0.95 -1.71
C ILE A 238 0.65 0.30 -2.04
N HIS A 239 -0.18 0.20 -3.08
CA HIS A 239 -1.06 1.30 -3.43
C HIS A 239 -2.09 0.90 -4.47
N CYS A 240 -2.94 1.86 -4.81
CA CYS A 240 -3.95 1.70 -5.85
C CYS A 240 -4.25 3.10 -6.33
N ARG A 241 -5.52 3.49 -6.39
CA ARG A 241 -5.83 4.84 -6.85
C ARG A 241 -5.61 5.85 -5.71
N ALA A 242 -6.34 5.69 -4.60
CA ALA A 242 -6.17 6.61 -3.47
C ALA A 242 -5.22 6.01 -2.43
N GLY A 243 -5.14 4.69 -2.38
CA GLY A 243 -4.25 4.04 -1.43
C GLY A 243 -4.80 4.00 -0.01
N VAL A 244 -6.11 3.82 0.13
CA VAL A 244 -6.73 3.77 1.45
C VAL A 244 -7.78 2.68 1.61
N GLY A 245 -8.02 1.89 0.56
CA GLY A 245 -9.03 0.85 0.66
C GLY A 245 -8.49 -0.51 0.35
N ARG A 246 -8.36 -0.81 -0.94
CA ARG A 246 -7.82 -2.09 -1.36
C ARG A 246 -6.42 -2.19 -0.76
N THR A 247 -5.73 -1.05 -0.74
CA THR A 247 -4.38 -0.95 -0.21
C THR A 247 -4.35 -1.31 1.26
N ALA A 248 -5.26 -0.70 2.02
CA ALA A 248 -5.34 -0.94 3.46
C ALA A 248 -5.73 -2.37 3.75
N GLN A 249 -6.63 -2.91 2.94
CA GLN A 249 -7.07 -4.29 3.13
C GLN A 249 -5.88 -5.25 2.97
N LEU A 250 -5.08 -5.02 1.93
CA LEU A 250 -3.90 -5.86 1.70
C LEU A 250 -2.92 -5.73 2.85
N ILE A 251 -2.64 -4.51 3.26
CA ILE A 251 -1.70 -4.28 4.35
C ILE A 251 -2.16 -5.01 5.60
N GLY A 252 -3.45 -4.86 5.91
CA GLY A 252 -3.99 -5.52 7.07
C GLY A 252 -3.74 -7.02 7.00
N ALA A 253 -4.00 -7.60 5.84
CA ALA A 253 -3.83 -9.04 5.64
C ALA A 253 -2.37 -9.43 5.78
N MET A 254 -1.50 -8.57 5.27
CA MET A 254 -0.07 -8.79 5.33
C MET A 254 0.44 -8.80 6.77
N CYS A 255 -0.02 -7.84 7.58
CA CYS A 255 0.43 -7.80 8.96
C CYS A 255 -0.08 -9.02 9.72
N MET A 256 -1.26 -9.49 9.35
CA MET A 256 -1.84 -10.66 10.01
C MET A 256 -1.14 -11.95 9.60
N ASN A 257 -0.33 -11.88 8.55
CA ASN A 257 0.40 -13.06 8.10
C ASN A 257 1.79 -13.07 8.72
N ASP A 258 2.17 -11.95 9.31
CA ASP A 258 3.47 -11.81 9.96
C ASP A 258 3.44 -12.62 11.25
N SER A 259 4.30 -13.63 11.37
CA SER A 259 4.34 -14.47 12.54
C SER A 259 4.84 -13.74 13.79
N ARG A 260 5.09 -12.44 13.66
CA ARG A 260 5.58 -11.65 14.80
C ARG A 260 4.49 -10.75 15.39
N ASN A 261 3.31 -10.73 14.78
CA ASN A 261 2.24 -9.87 15.26
C ASN A 261 1.18 -10.51 16.14
N SER A 262 1.60 -11.45 16.98
CA SER A 262 0.67 -12.11 17.88
C SER A 262 0.03 -11.07 18.80
N GLN A 263 -1.28 -11.20 19.00
CA GLN A 263 -2.06 -10.31 19.86
C GLN A 263 -2.41 -8.94 19.27
N LEU A 264 -1.87 -8.61 18.11
CA LEU A 264 -2.19 -7.35 17.47
C LEU A 264 -3.67 -7.46 17.09
N SER A 265 -4.50 -6.57 17.62
CA SER A 265 -5.94 -6.62 17.36
C SER A 265 -6.30 -5.88 16.08
N VAL A 266 -7.54 -6.07 15.62
CA VAL A 266 -8.00 -5.39 14.41
C VAL A 266 -8.08 -3.89 14.72
N GLU A 267 -8.47 -3.57 15.96
CA GLU A 267 -8.57 -2.18 16.39
C GLU A 267 -7.19 -1.54 16.25
N ASP A 268 -6.17 -2.21 16.77
CA ASP A 268 -4.78 -1.73 16.71
C ASP A 268 -4.35 -1.53 15.26
N MET A 269 -4.57 -2.58 14.49
CA MET A 269 -4.24 -2.65 13.08
C MET A 269 -4.75 -1.45 12.29
N VAL A 270 -6.06 -1.23 12.35
CA VAL A 270 -6.67 -0.13 11.60
C VAL A 270 -6.34 1.25 12.16
N SER A 271 -6.24 1.36 13.48
CA SER A 271 -5.90 2.65 14.08
C SER A 271 -4.46 3.04 13.74
N GLN A 272 -3.56 2.07 13.69
CA GLN A 272 -2.17 2.35 13.35
C GLN A 272 -2.05 2.84 11.91
N MET A 273 -2.75 2.19 11.00
CA MET A 273 -2.70 2.61 9.60
C MET A 273 -3.27 4.02 9.48
N ARG A 274 -4.31 4.31 10.26
CA ARG A 274 -4.93 5.62 10.17
C ARG A 274 -4.09 6.75 10.73
N VAL A 275 -3.43 6.51 11.86
CA VAL A 275 -2.59 7.53 12.47
C VAL A 275 -1.31 7.74 11.65
N GLN A 276 -0.92 6.73 10.87
CA GLN A 276 0.30 6.80 10.07
C GLN A 276 0.15 7.22 8.61
N ARG A 277 -1.09 7.38 8.15
CA ARG A 277 -1.32 7.80 6.76
C ARG A 277 -2.48 8.80 6.79
N ASN A 278 -3.70 8.32 7.02
CA ASN A 278 -4.86 9.18 7.15
C ASN A 278 -6.03 8.38 7.72
N GLY A 279 -7.08 9.08 8.13
CA GLY A 279 -8.23 8.44 8.75
C GLY A 279 -9.15 7.60 7.90
N ILE A 280 -8.86 7.49 6.61
CA ILE A 280 -9.71 6.72 5.72
C ILE A 280 -9.24 5.26 5.58
N MET A 281 -7.96 5.02 5.86
CA MET A 281 -7.39 3.67 5.77
C MET A 281 -8.40 2.61 6.19
N VAL A 282 -8.73 1.73 5.25
CA VAL A 282 -9.73 0.68 5.41
C VAL A 282 -11.02 1.47 5.17
N GLN A 283 -11.16 1.90 3.94
CA GLN A 283 -12.28 2.74 3.49
C GLN A 283 -13.71 2.22 3.65
N LYS A 284 -13.98 1.03 3.15
CA LYS A 284 -15.34 0.48 3.22
C LYS A 284 -15.53 -0.58 4.30
N ASP A 285 -16.77 -0.68 4.80
CA ASP A 285 -17.10 -1.66 5.83
C ASP A 285 -16.85 -3.07 5.31
N GLU A 286 -17.10 -3.26 4.02
CA GLU A 286 -16.89 -4.55 3.38
C GLU A 286 -15.41 -4.91 3.44
N GLN A 287 -14.55 -3.89 3.45
CA GLN A 287 -13.12 -4.14 3.50
C GLN A 287 -12.73 -4.46 4.95
N LEU A 288 -13.40 -3.82 5.89
CA LEU A 288 -13.13 -4.07 7.30
C LEU A 288 -13.62 -5.49 7.64
N ASP A 289 -14.75 -5.88 7.06
CA ASP A 289 -15.30 -7.21 7.32
C ASP A 289 -14.34 -8.31 6.95
N VAL A 290 -13.59 -8.10 5.87
CA VAL A 290 -12.63 -9.09 5.42
C VAL A 290 -11.55 -9.22 6.50
N LEU A 291 -11.10 -8.08 7.01
CA LEU A 291 -10.08 -8.10 8.06
C LEU A 291 -10.64 -8.79 9.29
N ILE A 292 -11.91 -8.53 9.59
CA ILE A 292 -12.54 -9.15 10.75
C ILE A 292 -12.54 -10.67 10.54
N LYS A 293 -13.04 -11.09 9.38
CA LYS A 293 -13.10 -12.51 9.06
C LYS A 293 -11.74 -13.19 9.19
N LEU A 294 -10.70 -12.56 8.64
CA LEU A 294 -9.35 -13.14 8.75
C LEU A 294 -8.91 -13.21 10.20
N ALA A 295 -9.30 -12.21 10.99
CA ALA A 295 -8.94 -12.18 12.40
C ALA A 295 -9.59 -13.35 13.11
N GLU A 296 -10.90 -13.49 12.94
CA GLU A 296 -11.62 -14.59 13.56
C GLU A 296 -11.01 -15.93 13.16
N GLY A 297 -10.61 -16.04 11.90
CA GLY A 297 -10.01 -17.28 11.43
C GLY A 297 -8.77 -17.67 12.22
N GLN A 298 -8.03 -16.68 12.71
CA GLN A 298 -6.81 -16.92 13.48
C GLN A 298 -7.05 -16.84 14.98
N GLY A 299 -8.25 -16.43 15.38
CA GLY A 299 -8.53 -16.31 16.80
C GLY A 299 -7.91 -15.01 17.31
N ARG A 300 -7.67 -14.09 16.38
CA ARG A 300 -7.09 -12.79 16.72
C ARG A 300 -8.20 -11.89 17.24
N PRO A 301 -7.97 -11.20 18.36
CA PRO A 301 -8.98 -10.31 18.95
C PRO A 301 -9.37 -9.14 18.05
N LEU A 302 -10.62 -8.71 18.18
CA LEU A 302 -11.10 -7.59 17.39
C LEU A 302 -10.87 -6.30 18.18
N LEU A 303 -11.44 -6.23 19.37
CA LEU A 303 -11.33 -5.06 20.22
C LEU A 303 -10.22 -5.15 21.25
N ASN A 304 -9.81 -4.00 21.75
CA ASN A 304 -8.81 -3.92 22.80
C ASN A 304 -9.58 -3.84 24.11
N SER A 305 -9.11 -4.57 25.11
CA SER A 305 -9.77 -4.58 26.41
C SER A 305 -9.53 -3.26 27.13
S PVS B . -8.44 2.77 -2.84
O1 PVS B . -8.03 3.20 -1.54
O2 PVS B . -9.21 1.57 -2.70
C7 PVS B . -7.28 2.47 -3.60
C1 PVS B . -9.41 4.03 -3.50
C2 PVS B . -10.61 4.46 -2.85
C3 PVS B . -11.43 5.51 -3.37
C4 PVS B . -11.08 6.17 -4.58
C5 PVS B . -9.89 5.75 -5.26
C6 PVS B . -9.07 4.70 -4.73
C8 PVS B . -6.16 1.40 -2.77
#